data_2BBQ
#
_entry.id   2BBQ
#
_cell.length_a   127.100
_cell.length_b   127.100
_cell.length_c   67.900
_cell.angle_alpha   90.00
_cell.angle_beta   90.00
_cell.angle_gamma   120.00
#
_symmetry.space_group_name_H-M   'P 63'
#
loop_
_entity.id
_entity.type
_entity.pdbx_description
1 polymer 'THYMIDYLATE SYNTHASE'
2 non-polymer "2'-DEOXYURIDINE 5'-MONOPHOSPHATE"
3 non-polymer '10-PARPARGYL-5,8-DIDEAZAFOLATE-4-GLUTAMIC ACID'
4 water water
#
_entity_poly.entity_id   1
_entity_poly.type   'polypeptide(L)'
_entity_poly.pdbx_seq_one_letter_code
;MKQYLELMQKVLDEGTQKNDRTGTGTLSIFGHQMRFNLQDGFPLVTTKRCHLRSIIHELLWFLQGDTNIAYLHENNVTIW
DEWADENGDLGPVYGKQWRAWPTPDGRHIDQITTVLNQLKNDPDSRRIIVSAWNVGELDKMALAPCHAFFQFYVADGKLS
CQLYQRSCDVFLGLPFNIASYALLVHMMAQQCDLEVGDFVWTGGDTHLYSNHMDQTHLQLSREPRPLPKLIIKRKPESIF
DYRFEDFEIEGYDPHPGIKAPVAI
;
_entity_poly.pdbx_strand_id   A,B
#
# COMPACT_ATOMS: atom_id res chain seq x y z
N MET A 1 -2.15 -23.38 -1.95
CA MET A 1 -3.33 -22.82 -2.51
C MET A 1 -2.82 -22.48 -3.88
N LYS A 2 -3.65 -22.51 -4.90
CA LYS A 2 -3.38 -22.11 -6.25
C LYS A 2 -2.70 -20.76 -6.35
N GLN A 3 -3.13 -19.67 -5.71
CA GLN A 3 -2.52 -18.35 -5.86
C GLN A 3 -1.10 -18.21 -5.35
N TYR A 4 -0.90 -18.87 -4.18
CA TYR A 4 0.39 -18.96 -3.48
C TYR A 4 1.43 -19.70 -4.30
N LEU A 5 1.09 -20.90 -4.81
CA LEU A 5 2.06 -21.66 -5.58
C LEU A 5 2.26 -20.90 -6.90
N GLU A 6 1.30 -20.19 -7.48
CA GLU A 6 1.58 -19.41 -8.70
C GLU A 6 2.48 -18.23 -8.42
N LEU A 7 2.35 -17.54 -7.27
CA LEU A 7 3.27 -16.48 -6.88
C LEU A 7 4.69 -17.09 -6.77
N MET A 8 4.86 -18.23 -6.08
CA MET A 8 6.16 -18.88 -5.98
C MET A 8 6.81 -19.16 -7.33
N GLN A 9 6.13 -19.73 -8.32
CA GLN A 9 6.66 -19.95 -9.64
C GLN A 9 7.01 -18.63 -10.32
N LYS A 10 6.26 -17.57 -10.11
CA LYS A 10 6.54 -16.27 -10.72
C LYS A 10 7.84 -15.68 -10.20
N VAL A 11 8.16 -15.81 -8.90
CA VAL A 11 9.39 -15.18 -8.45
C VAL A 11 10.52 -16.03 -9.00
N LEU A 12 10.41 -17.35 -9.12
CA LEU A 12 11.43 -18.16 -9.79
C LEU A 12 11.67 -17.84 -11.26
N ASP A 13 10.56 -17.53 -11.94
CA ASP A 13 10.54 -17.21 -13.36
C ASP A 13 10.86 -15.80 -13.75
N GLU A 14 10.56 -14.80 -12.91
CA GLU A 14 10.83 -13.42 -13.25
C GLU A 14 11.72 -12.77 -12.20
N GLY A 15 12.25 -13.53 -11.21
CA GLY A 15 13.05 -12.99 -10.12
C GLY A 15 14.46 -12.53 -10.49
N THR A 16 14.91 -11.45 -9.85
CA THR A 16 16.24 -10.88 -9.98
C THR A 16 16.97 -11.30 -8.73
N GLN A 17 18.23 -11.69 -8.88
CA GLN A 17 19.09 -11.99 -7.77
C GLN A 17 19.50 -10.71 -7.05
N LYS A 18 19.31 -10.57 -5.73
CA LYS A 18 19.68 -9.36 -4.98
C LYS A 18 20.39 -9.75 -3.70
N ASN A 19 21.33 -8.96 -3.23
CA ASN A 19 21.90 -9.16 -1.91
C ASN A 19 20.93 -8.46 -0.96
N ASP A 20 21.03 -8.62 0.35
CA ASP A 20 20.06 -8.02 1.26
C ASP A 20 20.76 -7.82 2.59
N ARG A 21 19.99 -7.23 3.50
CA ARG A 21 20.38 -6.84 4.85
C ARG A 21 20.97 -7.96 5.68
N THR A 22 20.43 -9.18 5.57
CA THR A 22 20.89 -10.32 6.35
C THR A 22 22.12 -10.97 5.71
N GLY A 23 22.61 -10.52 4.53
CA GLY A 23 23.71 -11.18 3.83
C GLY A 23 23.38 -12.56 3.27
N THR A 24 22.11 -12.99 3.17
CA THR A 24 21.74 -14.28 2.60
C THR A 24 21.60 -14.33 1.07
N GLY A 25 21.04 -13.31 0.42
CA GLY A 25 20.77 -13.26 -1.02
C GLY A 25 19.33 -13.73 -1.27
N THR A 26 18.57 -13.06 -2.12
CA THR A 26 17.19 -13.41 -2.40
C THR A 26 17.00 -13.54 -3.92
N LEU A 27 15.92 -14.15 -4.39
CA LEU A 27 15.44 -13.89 -5.74
C LEU A 27 14.20 -13.05 -5.50
N SER A 28 14.07 -11.85 -6.09
CA SER A 28 12.84 -11.11 -5.90
C SER A 28 12.19 -10.42 -7.05
N ILE A 29 10.88 -10.29 -6.98
CA ILE A 29 10.14 -9.46 -7.92
C ILE A 29 9.63 -8.29 -7.05
N PHE A 30 9.20 -7.21 -7.70
CA PHE A 30 8.60 -6.02 -7.07
C PHE A 30 7.19 -5.82 -7.63
N GLY A 31 6.15 -5.83 -6.81
CA GLY A 31 4.81 -5.55 -7.27
C GLY A 31 4.11 -6.85 -7.65
N HIS A 32 3.05 -7.18 -6.92
CA HIS A 32 2.23 -8.33 -7.17
C HIS A 32 0.93 -8.13 -6.42
N GLN A 33 -0.18 -8.64 -6.88
CA GLN A 33 -1.41 -8.60 -6.15
C GLN A 33 -2.12 -9.93 -6.33
N MET A 34 -2.76 -10.45 -5.28
CA MET A 34 -3.60 -11.63 -5.37
C MET A 34 -4.83 -11.50 -4.47
N ARG A 35 -5.93 -12.15 -4.83
CA ARG A 35 -7.18 -12.02 -4.12
C ARG A 35 -7.63 -13.35 -3.62
N PHE A 36 -8.04 -13.43 -2.38
CA PHE A 36 -8.58 -14.68 -1.83
C PHE A 36 -10.03 -14.38 -1.53
N ASN A 37 -11.02 -15.09 -2.08
CA ASN A 37 -12.38 -14.83 -1.69
C ASN A 37 -12.63 -15.68 -0.46
N LEU A 38 -12.90 -15.09 0.72
CA LEU A 38 -12.97 -15.89 1.93
C LEU A 38 -14.24 -16.72 2.07
N GLN A 39 -15.21 -16.56 1.19
CA GLN A 39 -16.34 -17.46 1.18
C GLN A 39 -15.91 -18.80 0.54
N ASP A 40 -14.78 -18.92 -0.19
CA ASP A 40 -14.37 -20.21 -0.71
C ASP A 40 -13.70 -21.11 0.33
N GLY A 41 -13.34 -20.61 1.52
CA GLY A 41 -12.67 -21.42 2.54
C GLY A 41 -11.58 -20.57 3.15
N PHE A 42 -11.02 -21.05 4.26
CA PHE A 42 -10.02 -20.31 5.02
C PHE A 42 -8.73 -20.37 4.27
N PRO A 43 -8.01 -19.31 3.91
CA PRO A 43 -6.74 -19.39 3.19
C PRO A 43 -5.51 -19.89 3.96
N LEU A 44 -5.49 -21.14 4.40
CA LEU A 44 -4.34 -21.65 5.12
C LEU A 44 -3.56 -22.57 4.18
N VAL A 45 -2.25 -22.45 3.88
CA VAL A 45 -1.73 -23.36 2.88
C VAL A 45 -1.78 -24.80 3.30
N THR A 46 -2.12 -25.63 2.29
CA THR A 46 -2.19 -27.06 2.46
C THR A 46 -0.95 -27.76 1.89
N THR A 47 -0.04 -27.15 1.13
CA THR A 47 1.02 -27.95 0.54
C THR A 47 2.22 -28.13 1.42
N LYS A 48 2.09 -27.58 2.61
CA LYS A 48 3.00 -27.81 3.69
C LYS A 48 2.16 -27.57 4.95
N ARG A 49 2.46 -28.21 6.07
CA ARG A 49 1.74 -28.04 7.33
C ARG A 49 2.00 -26.71 8.01
N CYS A 50 1.03 -25.84 8.31
CA CYS A 50 1.29 -24.60 9.03
C CYS A 50 0.81 -24.73 10.45
N HIS A 51 1.52 -24.05 11.35
CA HIS A 51 1.24 -24.09 12.76
C HIS A 51 0.26 -23.01 13.14
N LEU A 52 -1.04 -23.39 13.18
CA LEU A 52 -2.12 -22.50 13.58
C LEU A 52 -1.96 -21.81 14.93
N ARG A 53 -1.52 -22.56 15.94
CA ARG A 53 -1.27 -22.00 17.26
C ARG A 53 -0.44 -20.69 17.18
N SER A 54 0.63 -20.62 16.37
CA SER A 54 1.46 -19.42 16.26
C SER A 54 0.74 -18.28 15.58
N ILE A 55 0.00 -18.58 14.52
CA ILE A 55 -0.72 -17.56 13.75
C ILE A 55 -1.76 -16.96 14.65
N ILE A 56 -2.47 -17.77 15.45
CA ILE A 56 -3.57 -17.18 16.19
C ILE A 56 -3.08 -16.34 17.36
N HIS A 57 -2.11 -16.84 18.12
CA HIS A 57 -1.58 -16.12 19.26
C HIS A 57 -0.86 -14.84 18.88
N GLU A 58 -0.16 -14.78 17.75
CA GLU A 58 0.43 -13.54 17.35
C GLU A 58 -0.65 -12.52 17.08
N LEU A 59 -1.77 -12.82 16.39
CA LEU A 59 -2.88 -11.88 16.16
C LEU A 59 -3.41 -11.39 17.50
N LEU A 60 -3.62 -12.28 18.46
CA LEU A 60 -4.22 -11.88 19.71
C LEU A 60 -3.32 -10.94 20.50
N TRP A 61 -2.02 -11.15 20.35
CA TRP A 61 -0.97 -10.41 21.01
C TRP A 61 -1.00 -9.04 20.40
N PHE A 62 -1.00 -8.94 19.06
CA PHE A 62 -1.14 -7.69 18.33
C PHE A 62 -2.35 -6.95 18.80
N LEU A 63 -3.55 -7.54 18.84
CA LEU A 63 -4.78 -6.83 19.27
C LEU A 63 -4.79 -6.38 20.73
N GLN A 64 -3.97 -6.98 21.58
CA GLN A 64 -3.76 -6.49 22.93
C GLN A 64 -2.87 -5.23 22.99
N GLY A 65 -2.10 -4.85 21.96
CA GLY A 65 -1.21 -3.71 22.05
C GLY A 65 0.15 -4.13 22.58
N ASP A 66 0.41 -5.45 22.68
CA ASP A 66 1.64 -5.89 23.30
C ASP A 66 2.82 -5.91 22.33
N THR A 67 4.06 -5.65 22.79
CA THR A 67 5.28 -5.73 21.97
C THR A 67 6.38 -6.53 22.66
N ASN A 68 6.05 -7.30 23.70
CA ASN A 68 7.02 -8.03 24.48
C ASN A 68 6.62 -9.49 24.31
N ILE A 69 7.57 -10.42 24.19
CA ILE A 69 7.24 -11.78 23.86
C ILE A 69 6.91 -12.70 25.03
N ALA A 70 6.85 -12.21 26.26
CA ALA A 70 6.41 -12.98 27.41
C ALA A 70 5.09 -13.72 27.13
N TYR A 71 4.03 -13.04 26.62
CA TYR A 71 2.75 -13.64 26.23
C TYR A 71 2.94 -14.82 25.30
N LEU A 72 3.68 -14.54 24.23
CA LEU A 72 3.96 -15.58 23.23
C LEU A 72 4.70 -16.71 23.93
N HIS A 73 5.58 -16.55 24.93
CA HIS A 73 6.23 -17.64 25.66
C HIS A 73 5.28 -18.41 26.53
N GLU A 74 4.36 -17.73 27.22
CA GLU A 74 3.38 -18.41 28.06
C GLU A 74 2.59 -19.37 27.18
N ASN A 75 2.45 -19.03 25.88
CA ASN A 75 1.75 -19.92 24.98
C ASN A 75 2.56 -20.72 24.01
N ASN A 76 3.84 -20.92 24.35
CA ASN A 76 4.79 -21.73 23.62
C ASN A 76 4.96 -21.38 22.15
N VAL A 77 5.11 -20.09 21.88
CA VAL A 77 5.27 -19.59 20.53
C VAL A 77 6.57 -18.80 20.50
N THR A 78 7.41 -19.18 19.55
CA THR A 78 8.77 -18.68 19.48
C THR A 78 9.14 -17.92 18.22
N ILE A 79 8.15 -17.59 17.40
CA ILE A 79 8.36 -16.95 16.10
C ILE A 79 9.08 -15.62 16.12
N TRP A 80 9.11 -14.92 17.24
CA TRP A 80 9.72 -13.61 17.35
C TRP A 80 10.94 -13.59 18.25
N ASP A 81 11.48 -14.72 18.68
CA ASP A 81 12.60 -14.70 19.59
C ASP A 81 13.89 -14.11 19.06
N GLU A 82 14.30 -14.28 17.82
CA GLU A 82 15.59 -13.77 17.43
C GLU A 82 15.78 -12.28 17.32
N TRP A 83 14.70 -11.50 17.47
CA TRP A 83 14.70 -10.04 17.38
C TRP A 83 14.45 -9.34 18.71
N ALA A 84 14.04 -10.04 19.78
CA ALA A 84 13.74 -9.38 21.05
C ALA A 84 15.00 -9.16 21.84
N ASP A 85 15.08 -8.08 22.61
CA ASP A 85 16.23 -7.82 23.45
C ASP A 85 16.23 -8.70 24.70
N GLU A 86 17.12 -8.43 25.67
CA GLU A 86 17.36 -9.28 26.86
C GLU A 86 16.13 -9.36 27.75
N ASN A 87 15.27 -8.36 27.60
CA ASN A 87 14.00 -8.27 28.31
C ASN A 87 12.80 -8.74 27.50
N GLY A 88 12.95 -9.25 26.28
CA GLY A 88 11.79 -9.65 25.48
C GLY A 88 11.15 -8.53 24.71
N ASP A 89 11.66 -7.31 24.74
CA ASP A 89 11.07 -6.20 24.03
C ASP A 89 11.51 -6.14 22.60
N LEU A 90 10.53 -5.77 21.78
CA LEU A 90 10.72 -5.61 20.35
C LEU A 90 10.68 -4.17 19.88
N GLY A 91 10.33 -3.23 20.74
CA GLY A 91 10.23 -1.86 20.31
C GLY A 91 8.78 -1.55 20.02
N PRO A 92 8.40 -0.39 19.59
CA PRO A 92 7.00 -0.04 19.35
C PRO A 92 6.53 -0.65 18.04
N VAL A 93 6.57 -1.97 17.87
CA VAL A 93 6.17 -2.53 16.58
C VAL A 93 4.65 -2.62 16.54
N TYR A 94 4.06 -3.54 15.76
CA TYR A 94 2.63 -3.58 15.44
C TYR A 94 1.58 -3.31 16.55
N GLY A 95 1.51 -4.09 17.64
CA GLY A 95 0.58 -3.86 18.72
C GLY A 95 0.52 -2.42 19.17
N LYS A 96 1.65 -1.73 19.37
CA LYS A 96 1.63 -0.37 19.87
C LYS A 96 1.09 0.58 18.82
N GLN A 97 1.45 0.42 17.56
CA GLN A 97 1.00 1.34 16.54
C GLN A 97 -0.47 1.16 16.31
N TRP A 98 -0.95 -0.08 16.26
CA TRP A 98 -2.34 -0.34 16.06
C TRP A 98 -3.21 0.25 17.16
N ARG A 99 -2.77 0.17 18.42
CA ARG A 99 -3.61 0.50 19.57
C ARG A 99 -3.28 1.80 20.19
N ALA A 100 -2.10 2.35 19.88
CA ALA A 100 -1.71 3.60 20.49
C ALA A 100 -0.69 4.33 19.66
N TRP A 101 -1.04 4.71 18.42
CA TRP A 101 -0.16 5.53 17.59
C TRP A 101 0.15 6.81 18.33
N PRO A 102 1.38 7.22 18.69
CA PRO A 102 1.68 8.50 19.36
C PRO A 102 1.57 9.71 18.46
N THR A 103 0.79 10.72 18.83
CA THR A 103 0.68 11.91 17.99
C THR A 103 1.73 12.94 18.43
N PRO A 104 1.99 14.08 17.74
CA PRO A 104 2.86 15.18 18.25
C PRO A 104 2.33 15.98 19.47
N ASP A 105 1.03 16.28 19.53
CA ASP A 105 0.45 16.98 20.67
C ASP A 105 0.17 16.06 21.90
N GLY A 106 0.92 14.96 22.12
CA GLY A 106 0.76 14.12 23.31
C GLY A 106 -0.48 13.23 23.37
N ARG A 107 -1.24 13.01 22.33
CA ARG A 107 -2.31 12.03 22.36
C ARG A 107 -1.85 10.71 21.81
N HIS A 108 -2.68 9.68 21.82
CA HIS A 108 -2.37 8.36 21.29
C HIS A 108 -3.65 7.98 20.60
N ILE A 109 -3.62 7.37 19.40
CA ILE A 109 -4.81 7.03 18.64
C ILE A 109 -4.98 5.53 18.60
N ASP A 110 -6.08 4.95 19.06
CA ASP A 110 -6.30 3.51 18.97
C ASP A 110 -6.84 3.29 17.57
N GLN A 111 -6.08 2.74 16.60
CA GLN A 111 -6.58 2.61 15.21
C GLN A 111 -7.58 1.51 14.97
N ILE A 112 -7.51 0.48 15.78
CA ILE A 112 -8.44 -0.64 15.61
C ILE A 112 -9.83 -0.22 16.08
N THR A 113 -9.97 0.50 17.19
CA THR A 113 -11.28 0.91 17.65
C THR A 113 -11.88 1.93 16.67
N THR A 114 -11.08 2.84 16.12
CA THR A 114 -11.50 3.78 15.09
C THR A 114 -12.02 3.00 13.91
N VAL A 115 -11.29 2.04 13.34
CA VAL A 115 -11.82 1.26 12.24
C VAL A 115 -13.12 0.57 12.59
N LEU A 116 -13.23 -0.09 13.70
CA LEU A 116 -14.47 -0.68 14.11
C LEU A 116 -15.62 0.31 14.17
N ASN A 117 -15.36 1.52 14.61
CA ASN A 117 -16.35 2.58 14.60
C ASN A 117 -16.79 3.03 13.23
N GLN A 118 -15.81 3.20 12.33
CA GLN A 118 -16.08 3.49 10.95
C GLN A 118 -16.88 2.41 10.27
N LEU A 119 -16.58 1.14 10.54
CA LEU A 119 -17.25 0.07 9.84
C LEU A 119 -18.71 0.06 10.25
N LYS A 120 -19.03 0.48 11.46
CA LYS A 120 -20.38 0.54 11.92
C LYS A 120 -21.22 1.71 11.42
N ASN A 121 -20.62 2.88 11.54
CA ASN A 121 -21.30 4.15 11.35
C ASN A 121 -21.03 4.85 10.03
N ASP A 122 -19.96 4.46 9.35
CA ASP A 122 -19.63 5.05 8.07
C ASP A 122 -18.88 4.06 7.16
N PRO A 123 -19.48 2.92 6.78
CA PRO A 123 -18.78 1.91 6.04
C PRO A 123 -18.43 2.34 4.61
N ASP A 124 -18.98 3.45 4.13
CA ASP A 124 -18.67 3.91 2.79
C ASP A 124 -17.52 4.90 2.79
N SER A 125 -16.89 5.07 3.94
CA SER A 125 -15.71 5.89 4.03
C SER A 125 -14.61 5.23 3.18
N ARG A 126 -13.82 6.08 2.52
CA ARG A 126 -12.64 5.62 1.80
C ARG A 126 -11.40 5.88 2.68
N ARG A 127 -11.53 6.04 4.01
CA ARG A 127 -10.43 6.33 4.95
C ARG A 127 -10.31 5.23 6.01
N ILE A 128 -10.77 3.99 5.85
CA ILE A 128 -10.80 3.01 6.92
C ILE A 128 -9.48 2.25 6.85
N ILE A 129 -8.45 2.86 7.44
CA ILE A 129 -7.05 2.39 7.36
C ILE A 129 -6.36 2.20 8.72
N VAL A 130 -5.47 1.19 8.83
CA VAL A 130 -4.59 1.05 10.01
C VAL A 130 -3.19 1.12 9.44
N SER A 131 -2.31 1.98 9.94
CA SER A 131 -0.93 1.99 9.50
C SER A 131 -0.03 1.60 10.67
N ALA A 132 0.94 0.73 10.43
CA ALA A 132 1.98 0.47 11.41
C ALA A 132 3.21 1.27 11.01
N TRP A 133 3.26 1.98 9.85
CA TRP A 133 4.45 2.67 9.41
C TRP A 133 4.55 4.05 10.04
N ASN A 134 5.06 4.06 11.23
CA ASN A 134 5.20 5.33 11.91
C ASN A 134 6.64 5.77 11.77
N VAL A 135 6.87 6.73 10.89
CA VAL A 135 8.20 7.23 10.56
C VAL A 135 9.02 7.70 11.78
N GLY A 136 8.43 8.49 12.70
CA GLY A 136 9.10 8.95 13.89
C GLY A 136 9.42 7.85 14.91
N GLU A 137 8.95 6.62 14.80
CA GLU A 137 9.38 5.61 15.78
C GLU A 137 10.13 4.44 15.19
N LEU A 138 10.34 4.44 13.88
CA LEU A 138 11.01 3.35 13.17
C LEU A 138 12.34 2.96 13.76
N ASP A 139 13.11 3.95 14.23
CA ASP A 139 14.44 3.71 14.77
C ASP A 139 14.43 3.00 16.10
N LYS A 140 13.30 2.95 16.77
CA LYS A 140 13.23 2.27 18.03
C LYS A 140 12.68 0.87 17.81
N MET A 141 12.37 0.41 16.57
CA MET A 141 11.78 -0.90 16.36
C MET A 141 12.80 -1.95 16.04
N ALA A 142 12.68 -3.15 16.61
CA ALA A 142 13.67 -4.20 16.38
C ALA A 142 13.72 -4.68 14.95
N LEU A 143 12.59 -4.64 14.25
CA LEU A 143 12.49 -5.05 12.87
C LEU A 143 11.42 -4.09 12.31
N ALA A 144 11.60 -3.42 11.17
CA ALA A 144 10.61 -2.51 10.62
C ALA A 144 9.37 -3.26 10.19
N PRO A 145 8.15 -2.74 10.27
CA PRO A 145 6.95 -3.42 9.79
C PRO A 145 6.94 -4.07 8.40
N CYS A 146 6.85 -5.41 8.21
CA CYS A 146 6.71 -5.98 6.88
C CYS A 146 5.31 -5.82 6.37
N HIS A 147 4.30 -6.04 7.19
CA HIS A 147 2.92 -5.82 6.79
C HIS A 147 2.62 -4.43 7.35
N ALA A 148 2.70 -3.49 6.43
CA ALA A 148 2.74 -2.08 6.74
C ALA A 148 1.48 -1.27 6.86
N PHE A 149 0.44 -1.59 6.11
CA PHE A 149 -0.66 -0.65 5.94
C PHE A 149 -1.83 -1.47 5.43
N PHE A 150 -3.07 -1.35 5.91
CA PHE A 150 -4.16 -2.11 5.30
C PHE A 150 -5.47 -1.32 5.26
N GLN A 151 -6.45 -1.62 4.42
CA GLN A 151 -7.63 -0.80 4.24
C GLN A 151 -8.86 -1.65 4.22
N PHE A 152 -9.97 -1.27 4.87
CA PHE A 152 -11.19 -2.05 4.80
C PHE A 152 -12.14 -1.46 3.80
N TYR A 153 -13.09 -2.27 3.37
CA TYR A 153 -14.04 -1.80 2.39
C TYR A 153 -15.32 -2.58 2.59
N VAL A 154 -16.51 -1.99 2.47
CA VAL A 154 -17.78 -2.71 2.60
C VAL A 154 -18.48 -2.51 1.31
N ALA A 155 -19.04 -3.60 0.77
CA ALA A 155 -19.77 -3.49 -0.46
C ALA A 155 -21.11 -4.18 -0.40
N ASP A 156 -21.34 -5.43 -0.75
CA ASP A 156 -22.74 -5.87 -0.79
C ASP A 156 -22.96 -6.55 0.54
N GLY A 157 -22.85 -5.77 1.63
CA GLY A 157 -22.90 -6.27 3.01
C GLY A 157 -21.75 -7.25 3.33
N LYS A 158 -20.61 -7.20 2.59
CA LYS A 158 -19.46 -8.06 2.81
C LYS A 158 -18.30 -7.14 3.09
N LEU A 159 -17.55 -7.49 4.14
CA LEU A 159 -16.34 -6.81 4.48
C LEU A 159 -15.11 -7.31 3.71
N SER A 160 -14.27 -6.50 3.10
CA SER A 160 -13.04 -6.93 2.43
C SER A 160 -11.87 -6.17 3.08
N CYS A 161 -10.64 -6.55 2.81
CA CYS A 161 -9.45 -5.96 3.38
C CYS A 161 -8.35 -6.09 2.35
N GLN A 162 -7.53 -5.06 2.17
CA GLN A 162 -6.42 -5.10 1.26
C GLN A 162 -5.19 -4.77 2.08
N LEU A 163 -4.11 -5.52 1.99
CA LEU A 163 -2.92 -5.25 2.74
C LEU A 163 -1.81 -4.84 1.82
N TYR A 164 -1.01 -3.86 2.16
CA TYR A 164 0.20 -3.59 1.42
C TYR A 164 1.33 -4.10 2.30
N GLN A 165 2.08 -5.07 1.80
CA GLN A 165 3.18 -5.66 2.56
C GLN A 165 4.42 -5.20 1.85
N ARG A 166 5.25 -4.41 2.52
CA ARG A 166 6.43 -3.86 1.84
C ARG A 166 7.60 -4.84 1.63
N SER A 167 7.72 -5.93 2.37
CA SER A 167 8.78 -6.87 2.19
C SER A 167 8.11 -8.22 2.47
N CYS A 168 8.38 -9.25 1.67
CA CYS A 168 7.70 -10.50 1.89
C CYS A 168 8.59 -11.69 1.70
N ASP A 169 8.82 -12.48 2.75
CA ASP A 169 9.53 -13.73 2.59
C ASP A 169 8.42 -14.72 2.20
N VAL A 170 8.40 -15.07 0.93
CA VAL A 170 7.35 -15.90 0.39
C VAL A 170 7.25 -17.25 1.04
N PHE A 171 8.38 -17.89 1.33
CA PHE A 171 8.29 -19.26 1.81
C PHE A 171 7.89 -19.36 3.26
N LEU A 172 8.56 -18.59 4.10
CA LEU A 172 8.35 -18.73 5.52
C LEU A 172 7.28 -17.78 6.04
N GLY A 173 7.34 -16.50 5.72
CA GLY A 173 6.45 -15.52 6.30
C GLY A 173 5.07 -15.44 5.66
N LEU A 174 4.96 -15.40 4.33
CA LEU A 174 3.69 -15.24 3.67
C LEU A 174 2.60 -16.25 3.98
N PRO A 175 2.74 -17.57 4.16
CA PRO A 175 1.64 -18.37 4.67
C PRO A 175 1.09 -17.91 6.04
N PHE A 176 1.92 -17.32 6.92
CA PHE A 176 1.51 -16.79 8.21
C PHE A 176 0.77 -15.48 8.01
N ASN A 177 1.26 -14.57 7.20
CA ASN A 177 0.56 -13.31 6.94
C ASN A 177 -0.74 -13.42 6.22
N ILE A 178 -0.93 -14.35 5.30
CA ILE A 178 -2.23 -14.53 4.64
C ILE A 178 -3.22 -15.06 5.64
N ALA A 179 -2.92 -16.06 6.47
CA ALA A 179 -3.88 -16.60 7.40
C ALA A 179 -4.20 -15.65 8.54
N SER A 180 -3.26 -14.80 8.95
CA SER A 180 -3.48 -13.82 9.99
C SER A 180 -4.49 -12.76 9.65
N TYR A 181 -4.35 -12.15 8.47
CA TYR A 181 -5.27 -11.12 8.05
C TYR A 181 -6.62 -11.71 7.71
N ALA A 182 -6.69 -12.94 7.19
CA ALA A 182 -7.96 -13.60 6.93
C ALA A 182 -8.82 -13.76 8.21
N LEU A 183 -8.13 -14.17 9.27
CA LEU A 183 -8.70 -14.29 10.59
C LEU A 183 -9.18 -12.95 11.11
N LEU A 184 -8.43 -11.86 10.89
CA LEU A 184 -8.84 -10.54 11.31
C LEU A 184 -10.08 -10.09 10.56
N VAL A 185 -10.20 -10.38 9.28
CA VAL A 185 -11.38 -10.00 8.55
C VAL A 185 -12.58 -10.75 9.13
N HIS A 186 -12.53 -12.04 9.47
CA HIS A 186 -13.63 -12.77 10.07
C HIS A 186 -13.99 -12.22 11.45
N MET A 187 -13.02 -11.78 12.22
CA MET A 187 -13.29 -11.21 13.53
C MET A 187 -13.93 -9.82 13.37
N MET A 188 -13.49 -8.97 12.46
CA MET A 188 -14.07 -7.65 12.24
C MET A 188 -15.48 -7.83 11.74
N ALA A 189 -15.69 -8.72 10.79
CA ALA A 189 -16.98 -9.04 10.20
C ALA A 189 -17.90 -9.56 11.26
N GLN A 190 -17.58 -10.51 12.11
CA GLN A 190 -18.47 -10.94 13.19
C GLN A 190 -18.88 -9.80 14.13
N GLN A 191 -17.99 -8.86 14.44
CA GLN A 191 -18.31 -7.75 15.31
C GLN A 191 -19.22 -6.72 14.65
N CYS A 192 -19.06 -6.47 13.37
CA CYS A 192 -19.92 -5.58 12.65
C CYS A 192 -21.12 -6.23 12.05
N ASP A 193 -21.38 -7.53 12.18
CA ASP A 193 -22.49 -8.24 11.55
C ASP A 193 -22.51 -8.13 10.00
N LEU A 194 -21.32 -8.27 9.40
CA LEU A 194 -21.13 -8.21 7.96
C LEU A 194 -20.70 -9.63 7.56
N GLU A 195 -20.85 -9.98 6.27
CA GLU A 195 -20.39 -11.26 5.77
C GLU A 195 -18.93 -11.04 5.39
N VAL A 196 -18.11 -12.09 5.25
CA VAL A 196 -16.71 -11.92 4.86
C VAL A 196 -16.68 -11.83 3.33
N GLY A 197 -15.80 -10.96 2.83
CA GLY A 197 -15.65 -10.73 1.42
C GLY A 197 -14.27 -11.16 0.98
N ASP A 198 -13.47 -10.32 0.35
CA ASP A 198 -12.17 -10.73 -0.10
C ASP A 198 -11.00 -10.21 0.72
N PHE A 199 -9.92 -10.98 0.84
CA PHE A 199 -8.67 -10.44 1.34
C PHE A 199 -7.78 -10.21 0.11
N VAL A 200 -7.38 -8.97 -0.17
CA VAL A 200 -6.50 -8.66 -1.29
C VAL A 200 -5.05 -8.50 -0.80
N TRP A 201 -4.05 -9.32 -1.16
CA TRP A 201 -2.71 -9.11 -0.73
C TRP A 201 -1.89 -8.33 -1.76
N THR A 202 -1.22 -7.24 -1.44
CA THR A 202 -0.33 -6.56 -2.40
C THR A 202 1.07 -6.60 -1.81
N GLY A 203 2.06 -6.83 -2.64
CA GLY A 203 3.41 -6.90 -2.21
C GLY A 203 4.35 -5.89 -2.82
N GLY A 204 5.28 -5.46 -1.98
CA GLY A 204 6.37 -4.63 -2.40
C GLY A 204 7.45 -5.58 -2.91
N ASP A 205 8.51 -5.82 -2.13
CA ASP A 205 9.60 -6.70 -2.51
C ASP A 205 9.21 -8.13 -2.08
N THR A 206 8.95 -9.01 -3.04
CA THR A 206 8.41 -10.36 -2.80
C THR A 206 9.54 -11.27 -3.22
N HIS A 207 10.11 -11.99 -2.25
CA HIS A 207 11.36 -12.70 -2.42
C HIS A 207 11.38 -14.06 -1.81
N LEU A 208 12.28 -14.86 -2.32
CA LEU A 208 12.53 -16.21 -1.89
C LEU A 208 13.99 -16.15 -1.46
N TYR A 209 14.42 -16.50 -0.24
CA TYR A 209 15.84 -16.47 0.12
C TYR A 209 16.61 -17.58 -0.60
N SER A 210 17.82 -17.34 -1.09
CA SER A 210 18.66 -18.36 -1.74
C SER A 210 18.79 -19.63 -0.89
N ASN A 211 18.73 -19.60 0.46
CA ASN A 211 18.78 -20.88 1.18
C ASN A 211 17.42 -21.59 1.37
N HIS A 212 16.41 -21.25 0.53
CA HIS A 212 15.07 -21.82 0.54
C HIS A 212 14.74 -22.37 -0.83
N MET A 213 15.64 -22.67 -1.75
CA MET A 213 15.21 -23.08 -3.07
C MET A 213 14.84 -24.55 -3.16
N ASP A 214 15.49 -25.45 -2.40
CA ASP A 214 15.10 -26.84 -2.53
C ASP A 214 13.68 -26.97 -1.98
N GLN A 215 13.43 -26.53 -0.74
CA GLN A 215 12.10 -26.43 -0.16
C GLN A 215 11.01 -25.91 -1.09
N THR A 216 11.28 -24.80 -1.80
CA THR A 216 10.38 -24.26 -2.81
C THR A 216 10.10 -25.25 -3.92
N HIS A 217 11.06 -25.92 -4.56
CA HIS A 217 10.75 -26.84 -5.66
C HIS A 217 10.07 -28.08 -5.18
N LEU A 218 10.31 -28.44 -3.91
CA LEU A 218 9.64 -29.55 -3.27
C LEU A 218 8.15 -29.26 -3.17
N GLN A 219 7.86 -28.08 -2.62
CA GLN A 219 6.51 -27.71 -2.32
C GLN A 219 5.70 -27.54 -3.59
N LEU A 220 6.40 -27.02 -4.57
CA LEU A 220 5.80 -26.70 -5.84
C LEU A 220 5.44 -27.93 -6.66
N SER A 221 5.94 -29.11 -6.23
CA SER A 221 5.62 -30.34 -6.91
C SER A 221 4.41 -31.06 -6.29
N ARG A 222 3.66 -30.34 -5.43
CA ARG A 222 2.56 -30.91 -4.70
C ARG A 222 1.29 -30.23 -5.13
N GLU A 223 0.19 -31.00 -5.08
CA GLU A 223 -1.15 -30.53 -5.43
C GLU A 223 -1.95 -30.02 -4.20
N PRO A 224 -2.49 -28.77 -4.22
CA PRO A 224 -3.32 -28.20 -3.18
C PRO A 224 -4.45 -29.15 -2.85
N ARG A 225 -4.62 -29.39 -1.58
CA ARG A 225 -5.77 -30.14 -1.13
C ARG A 225 -6.92 -29.11 -0.97
N PRO A 226 -8.21 -29.56 -0.79
CA PRO A 226 -9.34 -28.72 -0.39
C PRO A 226 -9.02 -27.79 0.77
N LEU A 227 -9.42 -26.52 0.63
CA LEU A 227 -9.24 -25.47 1.61
C LEU A 227 -10.03 -25.71 2.91
N PRO A 228 -9.51 -25.42 4.11
CA PRO A 228 -10.22 -25.65 5.37
C PRO A 228 -11.33 -24.66 5.62
N LYS A 229 -12.11 -24.79 6.69
CA LYS A 229 -13.27 -23.99 6.97
C LYS A 229 -13.03 -23.42 8.37
N LEU A 230 -13.35 -22.20 8.75
CA LEU A 230 -13.06 -21.74 10.09
C LEU A 230 -14.37 -21.66 10.81
N ILE A 231 -14.54 -22.16 12.03
CA ILE A 231 -15.77 -22.07 12.78
C ILE A 231 -15.47 -21.19 13.99
N ILE A 232 -16.12 -20.07 14.23
CA ILE A 232 -15.89 -19.24 15.41
C ILE A 232 -17.04 -19.65 16.33
N LYS A 233 -16.81 -19.95 17.57
CA LYS A 233 -17.83 -20.57 18.39
C LYS A 233 -18.56 -19.65 19.33
N ARG A 234 -18.19 -18.39 19.31
CA ARG A 234 -18.65 -17.43 20.27
C ARG A 234 -18.47 -16.10 19.60
N LYS A 235 -19.42 -15.21 19.93
CA LYS A 235 -19.41 -13.82 19.59
C LYS A 235 -19.06 -13.04 20.87
N PRO A 236 -17.79 -12.71 21.19
CA PRO A 236 -17.50 -11.88 22.35
C PRO A 236 -18.01 -10.42 22.21
N GLU A 237 -17.98 -9.71 23.34
CA GLU A 237 -18.53 -8.37 23.40
C GLU A 237 -17.63 -7.33 22.75
N SER A 238 -16.36 -7.64 22.45
CA SER A 238 -15.55 -6.72 21.68
C SER A 238 -14.48 -7.57 21.01
N ILE A 239 -13.80 -6.99 20.02
CA ILE A 239 -12.73 -7.62 19.29
C ILE A 239 -11.52 -7.92 20.18
N PHE A 240 -11.38 -7.21 21.30
CA PHE A 240 -10.23 -7.41 22.17
C PHE A 240 -10.47 -8.53 23.15
N ASP A 241 -11.54 -9.31 22.97
CA ASP A 241 -11.98 -10.28 23.96
C ASP A 241 -12.01 -11.72 23.53
N TYR A 242 -11.50 -11.98 22.33
CA TYR A 242 -11.42 -13.33 21.78
C TYR A 242 -10.35 -14.14 22.54
N ARG A 243 -10.51 -15.46 22.59
CA ARG A 243 -9.57 -16.38 23.20
C ARG A 243 -9.29 -17.43 22.12
N PHE A 244 -8.17 -18.10 22.26
CA PHE A 244 -7.72 -19.13 21.34
C PHE A 244 -8.78 -20.20 21.09
N GLU A 245 -9.45 -20.64 22.16
CA GLU A 245 -10.48 -21.65 22.12
C GLU A 245 -11.72 -21.29 21.30
N ASP A 246 -11.93 -20.04 20.88
CA ASP A 246 -13.15 -19.71 20.16
C ASP A 246 -13.06 -20.08 18.69
N PHE A 247 -11.88 -20.53 18.26
CA PHE A 247 -11.65 -20.76 16.86
C PHE A 247 -11.49 -22.26 16.61
N GLU A 248 -12.22 -22.85 15.66
CA GLU A 248 -12.02 -24.22 15.21
C GLU A 248 -11.70 -24.21 13.73
N ILE A 249 -10.63 -24.86 13.35
CA ILE A 249 -10.26 -24.98 11.95
C ILE A 249 -10.66 -26.42 11.67
N GLU A 250 -11.57 -26.56 10.72
CA GLU A 250 -12.12 -27.85 10.41
C GLU A 250 -11.69 -28.28 9.03
N GLY A 251 -11.43 -29.58 8.87
CA GLY A 251 -11.12 -30.13 7.55
C GLY A 251 -9.72 -29.79 7.07
N TYR A 252 -8.67 -29.71 7.91
CA TYR A 252 -7.34 -29.36 7.37
C TYR A 252 -6.51 -30.64 7.32
N ASP A 253 -6.30 -31.14 6.10
CA ASP A 253 -5.41 -32.27 5.85
C ASP A 253 -4.23 -31.85 4.95
N PRO A 254 -3.12 -31.32 5.49
CA PRO A 254 -2.04 -30.81 4.68
C PRO A 254 -0.99 -31.86 4.35
N HIS A 255 -0.19 -31.52 3.33
CA HIS A 255 0.99 -32.28 2.96
C HIS A 255 1.99 -32.17 4.13
N PRO A 256 3.13 -32.88 4.14
CA PRO A 256 4.03 -32.80 5.29
C PRO A 256 4.70 -31.44 5.41
N GLY A 257 5.19 -31.11 6.60
CA GLY A 257 5.97 -29.89 6.81
C GLY A 257 7.30 -29.89 6.06
N ILE A 258 7.83 -28.70 5.76
CA ILE A 258 9.13 -28.53 5.13
C ILE A 258 9.90 -27.56 6.04
N LYS A 259 10.94 -27.95 6.76
CA LYS A 259 11.66 -27.01 7.64
C LYS A 259 12.54 -26.07 6.83
N ALA A 260 12.68 -24.80 7.14
CA ALA A 260 13.60 -23.92 6.43
C ALA A 260 14.25 -22.98 7.45
N PRO A 261 15.46 -22.37 7.30
CA PRO A 261 16.01 -21.37 8.24
C PRO A 261 15.49 -19.94 8.09
N VAL A 262 15.35 -19.17 9.18
CA VAL A 262 14.87 -17.80 9.10
C VAL A 262 16.15 -17.03 8.84
N ALA A 263 16.15 -15.97 8.03
CA ALA A 263 17.31 -15.10 7.84
C ALA A 263 17.10 -13.99 8.88
N ILE A 264 18.06 -13.68 9.77
CA ILE A 264 17.93 -12.78 10.91
C ILE A 264 18.39 -11.37 10.51
N MET B 1 -4.25 5.24 -22.38
CA MET B 1 -3.33 4.14 -22.39
C MET B 1 -4.27 2.99 -22.24
N LYS B 2 -3.91 1.81 -22.73
CA LYS B 2 -4.68 0.57 -22.67
C LYS B 2 -5.01 0.19 -21.23
N GLN B 3 -4.03 0.16 -20.30
CA GLN B 3 -4.21 -0.18 -18.88
C GLN B 3 -5.31 0.68 -18.22
N TYR B 4 -5.25 1.99 -18.53
CA TYR B 4 -6.16 3.01 -18.00
C TYR B 4 -7.60 2.81 -18.48
N LEU B 5 -7.82 2.66 -19.78
CA LEU B 5 -9.16 2.45 -20.32
C LEU B 5 -9.72 1.08 -19.91
N GLU B 6 -8.92 0.06 -19.68
CA GLU B 6 -9.44 -1.23 -19.23
C GLU B 6 -9.90 -1.09 -17.80
N LEU B 7 -9.19 -0.31 -16.97
CA LEU B 7 -9.67 -0.04 -15.62
C LEU B 7 -10.95 0.80 -15.66
N MET B 8 -11.03 1.76 -16.55
CA MET B 8 -12.26 2.55 -16.66
C MET B 8 -13.44 1.64 -17.04
N GLN B 9 -13.32 0.76 -18.04
CA GLN B 9 -14.33 -0.23 -18.43
C GLN B 9 -14.67 -1.18 -17.28
N LYS B 10 -13.68 -1.67 -16.52
CA LYS B 10 -13.92 -2.57 -15.39
C LYS B 10 -14.80 -1.91 -14.32
N VAL B 11 -14.62 -0.62 -14.07
CA VAL B 11 -15.42 0.08 -13.07
C VAL B 11 -16.85 0.13 -13.53
N LEU B 12 -17.15 0.54 -14.75
CA LEU B 12 -18.51 0.50 -15.26
C LEU B 12 -19.02 -0.94 -15.24
N ASP B 13 -18.30 -2.00 -15.62
CA ASP B 13 -18.90 -3.33 -15.64
C ASP B 13 -19.06 -4.00 -14.29
N GLU B 14 -18.23 -3.60 -13.33
CA GLU B 14 -18.22 -4.33 -12.10
C GLU B 14 -18.49 -3.52 -10.87
N GLY B 15 -18.61 -2.22 -10.96
CA GLY B 15 -18.80 -1.41 -9.80
C GLY B 15 -20.16 -1.46 -9.11
N THR B 16 -19.99 -1.39 -7.82
CA THR B 16 -21.11 -1.26 -6.90
C THR B 16 -21.47 0.21 -6.74
N GLN B 17 -22.75 0.58 -6.72
CA GLN B 17 -23.18 1.96 -6.48
C GLN B 17 -22.89 2.29 -5.01
N LYS B 18 -22.23 3.41 -4.61
CA LYS B 18 -22.02 3.78 -3.20
C LYS B 18 -22.42 5.24 -3.03
N ASN B 19 -22.94 5.61 -1.88
CA ASN B 19 -23.21 7.00 -1.56
C ASN B 19 -21.89 7.40 -0.88
N ASP B 20 -21.19 8.44 -1.32
CA ASP B 20 -19.90 8.81 -0.75
C ASP B 20 -19.99 10.08 0.09
N ARG B 21 -18.91 10.58 0.70
CA ARG B 21 -18.98 11.76 1.54
C ARG B 21 -19.39 13.04 0.82
N THR B 22 -18.98 13.19 -0.42
CA THR B 22 -19.43 14.23 -1.31
C THR B 22 -20.96 14.23 -1.53
N GLY B 23 -21.62 13.08 -1.39
CA GLY B 23 -23.01 12.93 -1.75
C GLY B 23 -23.20 12.89 -3.26
N THR B 24 -22.17 12.78 -4.13
CA THR B 24 -22.40 12.73 -5.58
C THR B 24 -22.79 11.34 -6.08
N GLY B 25 -22.38 10.23 -5.43
CA GLY B 25 -22.68 8.91 -5.96
C GLY B 25 -21.45 8.42 -6.68
N THR B 26 -21.13 7.14 -6.69
CA THR B 26 -19.87 6.62 -7.23
C THR B 26 -20.18 5.19 -7.69
N LEU B 27 -19.49 4.68 -8.70
CA LEU B 27 -19.51 3.26 -8.99
C LEU B 27 -18.08 2.88 -8.53
N SER B 28 -17.88 1.95 -7.58
CA SER B 28 -16.56 1.57 -7.09
C SER B 28 -16.26 0.10 -7.28
N ILE B 29 -14.95 -0.14 -7.41
CA ILE B 29 -14.38 -1.47 -7.26
C ILE B 29 -13.31 -1.30 -6.13
N PHE B 30 -12.74 -2.35 -5.53
CA PHE B 30 -11.75 -2.27 -4.48
C PHE B 30 -10.58 -3.15 -4.87
N GLY B 31 -9.38 -2.64 -4.99
CA GLY B 31 -8.27 -3.51 -5.32
C GLY B 31 -7.97 -3.59 -6.81
N HIS B 32 -6.96 -2.88 -7.31
CA HIS B 32 -6.57 -2.96 -8.71
C HIS B 32 -5.07 -2.72 -8.80
N GLN B 33 -4.25 -3.25 -9.73
CA GLN B 33 -2.84 -2.93 -9.85
C GLN B 33 -2.54 -2.72 -11.31
N MET B 34 -1.72 -1.76 -11.73
CA MET B 34 -1.37 -1.61 -13.14
C MET B 34 0.15 -1.36 -13.18
N ARG B 35 0.96 -1.87 -14.11
CA ARG B 35 2.34 -1.42 -14.14
C ARG B 35 2.68 -0.84 -15.50
N PHE B 36 3.48 0.20 -15.44
CA PHE B 36 3.91 1.03 -16.55
C PHE B 36 5.38 0.82 -16.68
N ASN B 37 5.90 0.48 -17.87
CA ASN B 37 7.31 0.24 -17.99
C ASN B 37 7.72 1.55 -18.60
N LEU B 38 8.50 2.28 -17.82
CA LEU B 38 8.86 3.66 -18.09
C LEU B 38 9.87 3.72 -19.27
N GLN B 39 10.55 2.61 -19.55
CA GLN B 39 11.38 2.43 -20.75
C GLN B 39 10.50 2.53 -22.01
N ASP B 40 9.24 2.10 -21.97
CA ASP B 40 8.29 2.23 -23.06
C ASP B 40 7.74 3.63 -23.22
N GLY B 41 8.08 4.67 -22.44
CA GLY B 41 7.53 6.01 -22.67
C GLY B 41 6.87 6.63 -21.44
N PHE B 42 6.54 7.93 -21.46
CA PHE B 42 6.00 8.59 -20.30
C PHE B 42 4.50 8.32 -20.25
N PRO B 43 3.90 7.81 -19.16
CA PRO B 43 2.50 7.45 -19.13
C PRO B 43 1.61 8.68 -18.87
N LEU B 44 1.52 9.62 -19.83
CA LEU B 44 0.62 10.79 -19.76
C LEU B 44 -0.56 10.36 -20.62
N VAL B 45 -1.85 10.36 -20.21
CA VAL B 45 -2.83 9.83 -21.13
C VAL B 45 -3.06 10.69 -22.35
N THR B 46 -3.37 9.99 -23.43
CA THR B 46 -3.57 10.63 -24.70
C THR B 46 -5.01 10.61 -25.12
N THR B 47 -5.93 9.90 -24.45
CA THR B 47 -7.33 9.86 -24.87
C THR B 47 -8.09 11.08 -24.39
N LYS B 48 -7.42 12.00 -23.70
CA LYS B 48 -7.96 13.30 -23.36
C LYS B 48 -6.66 14.03 -23.12
N ARG B 49 -6.57 15.25 -23.56
CA ARG B 49 -5.41 16.04 -23.31
C ARG B 49 -5.25 16.38 -21.83
N CYS B 50 -4.15 15.93 -21.22
CA CYS B 50 -3.77 16.32 -19.86
C CYS B 50 -2.90 17.57 -19.71
N HIS B 51 -3.18 18.36 -18.68
CA HIS B 51 -2.52 19.61 -18.35
C HIS B 51 -1.25 19.49 -17.48
N LEU B 52 -0.13 19.24 -18.13
CA LEU B 52 1.18 19.07 -17.54
C LEU B 52 1.73 20.20 -16.67
N ARG B 53 1.33 21.45 -16.85
CA ARG B 53 1.78 22.53 -15.98
C ARG B 53 1.39 22.34 -14.51
N SER B 54 0.19 21.76 -14.35
CA SER B 54 -0.38 21.52 -13.05
C SER B 54 0.30 20.33 -12.37
N ILE B 55 0.53 19.29 -13.16
CA ILE B 55 1.20 18.10 -12.69
C ILE B 55 2.61 18.50 -12.29
N ILE B 56 3.38 19.28 -13.09
CA ILE B 56 4.73 19.47 -12.58
C ILE B 56 4.76 20.51 -11.47
N HIS B 57 4.00 21.59 -11.46
CA HIS B 57 4.18 22.56 -10.37
C HIS B 57 3.71 22.01 -9.06
N GLU B 58 2.69 21.15 -9.05
CA GLU B 58 2.17 20.49 -7.84
C GLU B 58 3.29 19.60 -7.24
N LEU B 59 4.04 18.82 -8.06
CA LEU B 59 5.13 17.98 -7.55
C LEU B 59 6.30 18.80 -7.04
N LEU B 60 6.62 19.97 -7.62
CA LEU B 60 7.69 20.83 -7.11
C LEU B 60 7.21 21.53 -5.84
N TRP B 61 5.93 21.91 -5.70
CA TRP B 61 5.37 22.47 -4.48
C TRP B 61 5.46 21.41 -3.36
N PHE B 62 5.18 20.12 -3.59
CA PHE B 62 5.34 19.02 -2.63
C PHE B 62 6.78 18.85 -2.19
N LEU B 63 7.78 18.78 -3.08
CA LEU B 63 9.15 18.59 -2.62
C LEU B 63 9.73 19.82 -1.92
N GLN B 64 9.08 21.01 -2.00
CA GLN B 64 9.51 22.17 -1.23
C GLN B 64 8.95 22.11 0.18
N GLY B 65 8.07 21.17 0.51
CA GLY B 65 7.51 21.08 1.85
C GLY B 65 6.42 22.11 2.09
N ASP B 66 5.77 22.55 1.02
CA ASP B 66 4.78 23.60 1.09
C ASP B 66 3.37 22.99 1.14
N THR B 67 2.54 23.60 1.98
CA THR B 67 1.13 23.28 2.13
C THR B 67 0.27 24.53 1.88
N ASN B 68 0.89 25.62 1.46
CA ASN B 68 0.14 26.82 1.18
C ASN B 68 -0.02 26.99 -0.33
N ILE B 69 -1.25 27.17 -0.80
CA ILE B 69 -1.65 27.31 -2.21
C ILE B 69 -1.10 28.55 -2.93
N ALA B 70 -0.41 29.46 -2.21
CA ALA B 70 0.22 30.66 -2.77
C ALA B 70 1.13 30.34 -3.93
N TYR B 71 2.19 29.53 -3.76
CA TYR B 71 3.07 29.14 -4.86
C TYR B 71 2.31 28.66 -6.08
N LEU B 72 1.24 27.88 -5.97
CA LEU B 72 0.50 27.41 -7.14
C LEU B 72 -0.22 28.57 -7.81
N HIS B 73 -0.78 29.56 -7.09
CA HIS B 73 -1.45 30.69 -7.73
C HIS B 73 -0.50 31.55 -8.53
N GLU B 74 0.72 31.73 -8.01
CA GLU B 74 1.77 32.48 -8.68
C GLU B 74 2.05 31.87 -10.03
N ASN B 75 1.77 30.58 -10.17
CA ASN B 75 2.04 29.91 -11.43
C ASN B 75 0.76 29.50 -12.14
N ASN B 76 -0.33 30.08 -11.66
CA ASN B 76 -1.69 29.87 -12.15
C ASN B 76 -2.18 28.44 -12.21
N VAL B 77 -2.11 27.81 -11.04
CA VAL B 77 -2.53 26.44 -10.86
C VAL B 77 -3.50 26.52 -9.74
N THR B 78 -4.63 26.06 -10.25
CA THR B 78 -5.93 26.15 -9.63
C THR B 78 -6.48 24.90 -8.97
N ILE B 79 -5.80 23.75 -9.06
CA ILE B 79 -6.35 22.45 -8.62
C ILE B 79 -6.79 22.21 -7.18
N TRP B 80 -6.09 22.90 -6.28
CA TRP B 80 -6.31 22.79 -4.87
C TRP B 80 -7.04 23.99 -4.32
N ASP B 81 -7.69 24.83 -5.13
CA ASP B 81 -8.36 26.00 -4.60
C ASP B 81 -9.57 25.74 -3.69
N GLU B 82 -10.40 24.70 -3.86
CA GLU B 82 -11.60 24.58 -3.06
C GLU B 82 -11.53 23.81 -1.74
N TRP B 83 -10.35 23.32 -1.33
CA TRP B 83 -10.17 22.68 -0.03
C TRP B 83 -9.28 23.56 0.85
N ALA B 84 -8.73 24.65 0.30
CA ALA B 84 -7.82 25.55 1.00
C ALA B 84 -8.59 26.51 1.92
N ASP B 85 -8.11 26.91 3.10
CA ASP B 85 -8.88 27.83 3.94
C ASP B 85 -8.71 29.28 3.49
N GLU B 86 -9.29 30.25 4.22
CA GLU B 86 -9.18 31.68 3.91
C GLU B 86 -7.75 32.20 3.72
N ASN B 87 -6.76 31.62 4.44
CA ASN B 87 -5.36 32.00 4.28
C ASN B 87 -4.57 31.24 3.21
N GLY B 88 -5.23 30.38 2.44
CA GLY B 88 -4.60 29.54 1.43
C GLY B 88 -4.00 28.25 1.98
N ASP B 89 -4.09 27.91 3.28
CA ASP B 89 -3.47 26.74 3.88
C ASP B 89 -4.31 25.50 3.84
N LEU B 90 -3.66 24.35 3.64
CA LEU B 90 -4.36 23.07 3.54
C LEU B 90 -4.22 22.17 4.75
N GLY B 91 -3.39 22.62 5.69
CA GLY B 91 -3.03 21.84 6.84
C GLY B 91 -1.76 21.09 6.49
N PRO B 92 -1.19 20.22 7.31
CA PRO B 92 0.00 19.45 6.99
C PRO B 92 -0.26 18.32 6.03
N VAL B 93 -0.61 18.64 4.79
CA VAL B 93 -0.87 17.59 3.81
C VAL B 93 0.49 17.12 3.25
N TYR B 94 0.51 16.47 2.08
CA TYR B 94 1.66 15.90 1.44
C TYR B 94 3.00 16.55 1.60
N GLY B 95 3.20 17.81 1.20
CA GLY B 95 4.51 18.43 1.38
C GLY B 95 5.00 18.42 2.84
N LYS B 96 4.14 18.62 3.86
CA LYS B 96 4.60 18.71 5.23
C LYS B 96 5.06 17.34 5.65
N GLN B 97 4.35 16.25 5.34
CA GLN B 97 4.78 14.92 5.75
C GLN B 97 5.98 14.40 4.99
N TRP B 98 6.24 14.80 3.74
CA TRP B 98 7.38 14.33 2.94
C TRP B 98 8.70 14.89 3.44
N ARG B 99 8.68 16.18 3.72
CA ARG B 99 9.88 16.90 4.11
C ARG B 99 10.05 17.16 5.60
N ALA B 100 9.01 17.07 6.42
CA ALA B 100 9.11 17.43 7.82
C ALA B 100 8.18 16.62 8.71
N TRP B 101 8.14 15.26 8.62
CA TRP B 101 7.20 14.47 9.44
C TRP B 101 7.49 14.79 10.91
N PRO B 102 6.56 15.37 11.69
CA PRO B 102 6.69 15.61 13.12
C PRO B 102 6.62 14.36 13.99
N THR B 103 7.70 14.27 14.77
CA THR B 103 7.86 13.14 15.66
C THR B 103 7.12 13.49 16.96
N PRO B 104 6.82 12.54 17.86
CA PRO B 104 6.23 12.86 19.14
C PRO B 104 7.11 13.71 20.07
N ASP B 105 8.45 13.81 19.88
CA ASP B 105 9.29 14.61 20.77
C ASP B 105 9.78 15.97 20.25
N GLY B 106 9.14 16.54 19.22
CA GLY B 106 9.48 17.85 18.69
C GLY B 106 10.49 17.89 17.54
N ARG B 107 11.03 16.75 17.05
CA ARG B 107 11.98 16.68 15.92
C ARG B 107 11.28 16.58 14.56
N HIS B 108 11.90 16.48 13.39
CA HIS B 108 11.25 16.37 12.09
C HIS B 108 12.12 15.49 11.24
N ILE B 109 11.50 14.60 10.48
CA ILE B 109 12.23 13.63 9.66
C ILE B 109 11.98 14.10 8.23
N ASP B 110 13.05 14.17 7.45
CA ASP B 110 12.85 14.55 6.09
C ASP B 110 12.98 13.24 5.37
N GLN B 111 11.81 12.79 4.92
CA GLN B 111 11.73 11.47 4.28
C GLN B 111 12.31 11.46 2.90
N ILE B 112 12.25 12.57 2.18
CA ILE B 112 12.84 12.66 0.84
C ILE B 112 14.38 12.66 0.88
N THR B 113 15.07 13.36 1.78
CA THR B 113 16.53 13.24 1.99
C THR B 113 16.86 11.81 2.42
N THR B 114 16.10 11.18 3.37
CA THR B 114 16.36 9.80 3.73
C THR B 114 16.32 8.87 2.52
N VAL B 115 15.31 8.97 1.67
CA VAL B 115 15.22 8.17 0.46
C VAL B 115 16.38 8.45 -0.45
N LEU B 116 16.76 9.68 -0.76
CA LEU B 116 18.00 9.93 -1.51
C LEU B 116 19.23 9.23 -0.98
N ASN B 117 19.51 9.37 0.32
CA ASN B 117 20.69 8.74 0.87
C ASN B 117 20.53 7.23 0.92
N GLN B 118 19.32 6.67 0.95
CA GLN B 118 19.15 5.22 0.93
C GLN B 118 19.40 4.69 -0.44
N LEU B 119 18.98 5.39 -1.49
CA LEU B 119 19.13 4.90 -2.85
C LEU B 119 20.59 5.04 -3.25
N LYS B 120 21.30 6.00 -2.65
CA LYS B 120 22.71 6.14 -3.01
C LYS B 120 23.60 5.28 -2.17
N ASN B 121 23.18 4.89 -0.98
CA ASN B 121 24.11 4.18 -0.12
C ASN B 121 23.68 2.79 0.19
N ASP B 122 22.38 2.51 0.11
CA ASP B 122 21.88 1.18 0.36
C ASP B 122 20.81 0.78 -0.64
N PRO B 123 21.05 0.59 -1.96
CA PRO B 123 19.98 0.49 -2.94
C PRO B 123 19.16 -0.77 -2.80
N ASP B 124 19.67 -1.76 -2.10
CA ASP B 124 19.03 -3.05 -1.92
C ASP B 124 18.06 -3.05 -0.76
N SER B 125 18.06 -2.02 0.07
CA SER B 125 17.15 -1.92 1.17
C SER B 125 15.72 -2.16 0.67
N ARG B 126 15.00 -2.94 1.46
CA ARG B 126 13.58 -3.17 1.26
C ARG B 126 12.72 -2.19 2.09
N ARG B 127 13.28 -1.05 2.53
CA ARG B 127 12.62 -0.10 3.41
C ARG B 127 12.67 1.30 2.84
N ILE B 128 12.77 1.52 1.53
CA ILE B 128 12.93 2.86 0.98
C ILE B 128 11.54 3.43 0.76
N ILE B 129 10.96 3.98 1.81
CA ILE B 129 9.57 4.35 1.80
C ILE B 129 9.23 5.78 2.09
N VAL B 130 8.29 6.46 1.44
CA VAL B 130 7.83 7.65 2.10
C VAL B 130 6.32 7.50 2.35
N SER B 131 5.85 7.92 3.51
CA SER B 131 4.45 7.80 3.83
C SER B 131 3.90 9.16 4.07
N ALA B 132 2.70 9.45 3.60
CA ALA B 132 2.01 10.69 3.89
C ALA B 132 0.97 10.40 4.97
N TRP B 133 0.69 9.12 5.25
CA TRP B 133 -0.37 8.79 6.19
C TRP B 133 0.04 8.90 7.64
N ASN B 134 0.06 10.14 8.07
CA ASN B 134 0.44 10.45 9.42
C ASN B 134 -0.79 10.47 10.29
N VAL B 135 -1.11 9.37 10.96
CA VAL B 135 -2.34 9.23 11.74
C VAL B 135 -2.53 10.33 12.82
N GLY B 136 -1.46 10.81 13.44
CA GLY B 136 -1.54 11.85 14.43
C GLY B 136 -1.95 13.23 13.92
N GLU B 137 -1.99 13.46 12.61
CA GLU B 137 -2.31 14.78 12.07
C GLU B 137 -3.46 14.69 11.08
N LEU B 138 -4.12 13.55 10.94
CA LEU B 138 -5.14 13.40 9.93
C LEU B 138 -6.26 14.41 10.10
N ASP B 139 -6.67 14.68 11.33
CA ASP B 139 -7.78 15.58 11.53
C ASP B 139 -7.46 17.05 11.30
N LYS B 140 -6.18 17.34 11.07
CA LYS B 140 -5.73 18.68 10.82
C LYS B 140 -5.61 18.88 9.33
N MET B 141 -5.81 17.91 8.44
CA MET B 141 -5.63 18.16 7.01
C MET B 141 -6.95 18.49 6.32
N ALA B 142 -6.99 19.41 5.37
CA ALA B 142 -8.18 19.74 4.61
C ALA B 142 -8.81 18.57 3.89
N LEU B 143 -8.00 17.64 3.39
CA LEU B 143 -8.50 16.46 2.73
C LEU B 143 -7.40 15.46 3.06
N ALA B 144 -7.79 14.23 3.43
CA ALA B 144 -6.86 13.14 3.79
C ALA B 144 -6.08 12.60 2.59
N PRO B 145 -4.83 12.19 2.71
CA PRO B 145 -3.99 11.93 1.56
C PRO B 145 -4.62 10.88 0.69
N CYS B 146 -4.84 11.08 -0.62
CA CYS B 146 -5.34 10.01 -1.48
C CYS B 146 -4.19 9.13 -1.93
N HIS B 147 -3.08 9.73 -2.31
CA HIS B 147 -1.93 8.96 -2.69
C HIS B 147 -1.20 8.93 -1.36
N ALA B 148 -1.28 7.80 -0.66
CA ALA B 148 -0.91 7.65 0.75
C ALA B 148 0.46 7.12 1.12
N PHE B 149 1.13 6.33 0.28
CA PHE B 149 2.29 5.59 0.74
C PHE B 149 3.08 5.13 -0.48
N PHE B 150 4.40 5.26 -0.66
CA PHE B 150 5.03 4.69 -1.82
C PHE B 150 6.39 4.18 -1.44
N GLN B 151 6.89 3.31 -2.30
CA GLN B 151 8.10 2.62 -2.00
C GLN B 151 8.97 2.55 -3.23
N PHE B 152 10.27 2.68 -3.14
CA PHE B 152 11.15 2.57 -4.30
C PHE B 152 11.87 1.24 -4.29
N TYR B 153 12.44 0.80 -5.40
CA TYR B 153 13.12 -0.48 -5.45
C TYR B 153 14.24 -0.38 -6.48
N VAL B 154 15.40 -1.03 -6.36
CA VAL B 154 16.49 -0.95 -7.33
C VAL B 154 16.85 -2.41 -7.62
N ALA B 155 16.98 -2.83 -8.88
CA ALA B 155 17.31 -4.24 -9.09
C ALA B 155 18.54 -4.46 -9.96
N ASP B 156 18.52 -4.03 -11.22
CA ASP B 156 19.73 -4.19 -12.04
C ASP B 156 20.04 -2.82 -12.58
N GLY B 157 20.40 -1.92 -11.68
CA GLY B 157 20.66 -0.54 -12.03
C GLY B 157 19.40 0.22 -12.47
N LYS B 158 18.20 -0.29 -12.19
CA LYS B 158 16.95 0.38 -12.57
C LYS B 158 16.15 0.71 -11.33
N LEU B 159 15.54 1.92 -11.30
CA LEU B 159 14.68 2.41 -10.22
C LEU B 159 13.20 2.12 -10.40
N SER B 160 12.47 1.35 -9.60
CA SER B 160 11.03 1.26 -9.73
C SER B 160 10.38 1.91 -8.54
N CYS B 161 9.07 2.12 -8.58
CA CYS B 161 8.31 2.74 -7.52
C CYS B 161 6.91 2.17 -7.45
N GLN B 162 6.39 1.84 -6.28
CA GLN B 162 5.01 1.42 -6.16
C GLN B 162 4.28 2.37 -5.25
N LEU B 163 3.16 2.89 -5.75
CA LEU B 163 2.22 3.74 -5.00
C LEU B 163 1.08 2.90 -4.44
N TYR B 164 0.64 3.17 -3.21
CA TYR B 164 -0.62 2.65 -2.74
C TYR B 164 -1.54 3.87 -2.73
N GLN B 165 -2.53 3.91 -3.65
CA GLN B 165 -3.53 4.95 -3.66
C GLN B 165 -4.77 4.40 -3.00
N ARG B 166 -5.11 4.93 -1.85
CA ARG B 166 -6.26 4.47 -1.11
C ARG B 166 -7.60 4.97 -1.63
N SER B 167 -7.64 6.05 -2.40
CA SER B 167 -8.88 6.61 -2.91
C SER B 167 -8.54 7.20 -4.24
N CYS B 168 -9.29 6.78 -5.25
CA CYS B 168 -8.98 7.19 -6.59
C CYS B 168 -10.15 7.64 -7.43
N ASP B 169 -10.18 8.88 -7.90
CA ASP B 169 -11.19 9.31 -8.85
C ASP B 169 -10.57 8.96 -10.20
N VAL B 170 -11.10 7.93 -10.83
CA VAL B 170 -10.56 7.40 -12.09
C VAL B 170 -10.62 8.46 -13.16
N PHE B 171 -11.73 9.18 -13.43
CA PHE B 171 -11.69 10.12 -14.53
C PHE B 171 -10.80 11.33 -14.29
N LEU B 172 -10.79 11.88 -13.09
CA LEU B 172 -10.11 13.14 -12.90
C LEU B 172 -8.77 13.12 -12.20
N GLY B 173 -8.64 12.45 -11.05
CA GLY B 173 -7.37 12.47 -10.33
C GLY B 173 -6.36 11.48 -10.88
N LEU B 174 -6.73 10.24 -11.22
CA LEU B 174 -5.80 9.22 -11.64
C LEU B 174 -4.90 9.55 -12.82
N PRO B 175 -5.26 10.23 -13.92
CA PRO B 175 -4.36 10.70 -14.95
C PRO B 175 -3.20 11.50 -14.37
N PHE B 176 -3.54 12.37 -13.42
CA PHE B 176 -2.63 13.29 -12.76
C PHE B 176 -1.70 12.56 -11.81
N ASN B 177 -2.21 11.65 -10.98
CA ASN B 177 -1.40 10.87 -10.06
C ASN B 177 -0.37 10.00 -10.75
N ILE B 178 -0.71 9.33 -11.87
CA ILE B 178 0.23 8.52 -12.62
C ILE B 178 1.38 9.35 -13.13
N ALA B 179 1.14 10.43 -13.90
CA ALA B 179 2.22 11.22 -14.46
C ALA B 179 3.06 11.85 -13.35
N SER B 180 2.52 12.20 -12.16
CA SER B 180 3.26 12.83 -11.07
C SER B 180 4.34 11.87 -10.56
N TYR B 181 3.94 10.64 -10.30
CA TYR B 181 4.87 9.69 -9.75
C TYR B 181 5.82 9.22 -10.80
N ALA B 182 5.45 9.22 -12.09
CA ALA B 182 6.37 8.89 -13.19
C ALA B 182 7.48 9.92 -13.22
N LEU B 183 7.06 11.19 -13.22
CA LEU B 183 7.99 12.30 -13.20
C LEU B 183 8.95 12.12 -12.02
N LEU B 184 8.42 11.90 -10.78
CA LEU B 184 9.28 11.69 -9.62
C LEU B 184 10.34 10.61 -9.80
N VAL B 185 10.04 9.43 -10.35
CA VAL B 185 11.01 8.39 -10.61
C VAL B 185 12.09 8.93 -11.55
N HIS B 186 11.76 9.74 -12.57
CA HIS B 186 12.75 10.27 -13.46
C HIS B 186 13.71 11.20 -12.74
N MET B 187 13.21 12.04 -11.86
CA MET B 187 14.04 12.99 -11.15
C MET B 187 14.91 12.26 -10.16
N MET B 188 14.33 11.33 -9.38
CA MET B 188 15.07 10.44 -8.48
C MET B 188 16.11 9.63 -9.24
N ALA B 189 15.80 9.03 -10.39
CA ALA B 189 16.77 8.20 -11.09
C ALA B 189 17.88 9.08 -11.63
N GLN B 190 17.61 10.32 -12.07
CA GLN B 190 18.65 11.21 -12.57
C GLN B 190 19.57 11.66 -11.45
N GLN B 191 19.06 12.04 -10.29
CA GLN B 191 19.92 12.41 -9.18
C GLN B 191 20.71 11.21 -8.60
N CYS B 192 20.37 9.94 -8.91
CA CYS B 192 21.00 8.79 -8.30
C CYS B 192 21.76 7.93 -9.29
N ASP B 193 21.95 8.44 -10.51
CA ASP B 193 22.59 7.72 -11.62
C ASP B 193 22.12 6.27 -11.78
N LEU B 194 20.80 6.18 -11.99
CA LEU B 194 20.08 4.94 -12.24
C LEU B 194 19.23 5.10 -13.50
N GLU B 195 18.92 3.98 -14.12
CA GLU B 195 18.02 3.91 -15.25
C GLU B 195 16.61 3.88 -14.66
N VAL B 196 15.55 4.09 -15.43
CA VAL B 196 14.22 4.08 -14.85
C VAL B 196 13.65 2.68 -15.08
N GLY B 197 12.83 2.14 -14.17
CA GLY B 197 12.26 0.81 -14.29
C GLY B 197 10.76 0.89 -14.36
N ASP B 198 9.98 0.38 -13.41
CA ASP B 198 8.52 0.37 -13.52
C ASP B 198 7.78 1.28 -12.57
N PHE B 199 6.59 1.77 -12.94
CA PHE B 199 5.76 2.47 -11.97
C PHE B 199 4.60 1.52 -11.73
N VAL B 200 4.43 0.94 -10.53
CA VAL B 200 3.35 0.01 -10.23
C VAL B 200 2.33 0.84 -9.43
N TRP B 201 1.06 0.92 -9.86
CA TRP B 201 0.01 1.67 -9.21
C TRP B 201 -0.94 0.72 -8.50
N THR B 202 -1.19 0.79 -7.20
CA THR B 202 -2.16 -0.11 -6.58
C THR B 202 -3.27 0.74 -5.97
N GLY B 203 -4.54 0.40 -6.13
CA GLY B 203 -5.58 1.24 -5.59
C GLY B 203 -6.44 0.54 -4.57
N GLY B 204 -7.05 1.35 -3.71
CA GLY B 204 -7.97 0.90 -2.71
C GLY B 204 -9.32 1.10 -3.32
N ASP B 205 -10.13 2.06 -2.84
CA ASP B 205 -11.45 2.31 -3.38
C ASP B 205 -11.24 3.08 -4.68
N THR B 206 -11.46 2.42 -5.81
CA THR B 206 -11.21 2.99 -7.12
C THR B 206 -12.54 3.33 -7.78
N HIS B 207 -12.85 4.57 -8.19
CA HIS B 207 -14.22 4.90 -8.54
C HIS B 207 -14.48 5.85 -9.65
N LEU B 208 -15.70 5.85 -10.17
CA LEU B 208 -16.14 6.74 -11.26
C LEU B 208 -17.37 7.45 -10.70
N TYR B 209 -17.28 8.75 -10.42
CA TYR B 209 -18.44 9.52 -9.94
C TYR B 209 -19.61 9.54 -10.88
N SER B 210 -20.85 9.56 -10.37
CA SER B 210 -22.08 9.61 -11.16
C SER B 210 -22.16 10.68 -12.21
N ASN B 211 -21.70 11.90 -11.94
CA ASN B 211 -21.80 12.91 -12.94
C ASN B 211 -20.62 12.89 -13.90
N HIS B 212 -19.95 11.74 -14.12
CA HIS B 212 -18.88 11.63 -15.09
C HIS B 212 -19.13 10.53 -16.11
N MET B 213 -20.31 9.88 -16.13
CA MET B 213 -20.67 8.77 -17.01
C MET B 213 -20.58 9.13 -18.46
N ASP B 214 -21.02 10.32 -18.88
CA ASP B 214 -20.95 10.73 -20.27
C ASP B 214 -19.52 10.96 -20.74
N GLN B 215 -18.74 11.66 -19.93
CA GLN B 215 -17.36 11.93 -20.24
C GLN B 215 -16.56 10.65 -20.30
N THR B 216 -16.90 9.68 -19.47
CA THR B 216 -16.27 8.39 -19.50
C THR B 216 -16.66 7.72 -20.81
N HIS B 217 -17.95 7.61 -21.19
CA HIS B 217 -18.38 7.02 -22.45
C HIS B 217 -17.72 7.71 -23.64
N LEU B 218 -17.59 9.03 -23.62
CA LEU B 218 -16.93 9.75 -24.67
C LEU B 218 -15.48 9.35 -24.64
N GLN B 219 -14.80 9.20 -23.51
CA GLN B 219 -13.39 8.84 -23.54
C GLN B 219 -13.17 7.40 -23.95
N LEU B 220 -14.10 6.53 -23.65
CA LEU B 220 -13.97 5.12 -23.92
C LEU B 220 -14.13 4.73 -25.37
N SER B 221 -14.49 5.63 -26.29
CA SER B 221 -14.49 5.24 -27.69
C SER B 221 -13.33 5.89 -28.44
N ARG B 222 -12.30 6.47 -27.82
CA ARG B 222 -11.18 7.08 -28.53
C ARG B 222 -10.03 6.07 -28.51
N GLU B 223 -9.13 6.15 -29.51
CA GLU B 223 -7.95 5.28 -29.54
C GLU B 223 -6.75 5.94 -28.89
N PRO B 224 -6.06 5.26 -27.96
CA PRO B 224 -4.85 5.76 -27.39
C PRO B 224 -3.76 5.88 -28.46
N ARG B 225 -3.02 6.96 -28.34
CA ARG B 225 -1.92 7.22 -29.22
C ARG B 225 -0.62 6.67 -28.60
N PRO B 226 0.50 6.58 -29.34
CA PRO B 226 1.84 6.52 -28.79
C PRO B 226 2.05 7.47 -27.63
N LEU B 227 2.78 6.91 -26.68
CA LEU B 227 3.12 7.64 -25.48
C LEU B 227 4.24 8.62 -25.79
N PRO B 228 4.23 9.86 -25.28
CA PRO B 228 5.35 10.80 -25.34
C PRO B 228 6.65 10.36 -24.69
N LYS B 229 7.63 11.23 -24.62
CA LYS B 229 8.92 10.90 -24.07
C LYS B 229 9.27 12.10 -23.26
N LEU B 230 9.92 11.91 -22.12
CA LEU B 230 10.25 13.01 -21.22
C LEU B 230 11.77 13.32 -21.28
N ILE B 231 12.07 14.60 -21.50
CA ILE B 231 13.42 15.10 -21.67
C ILE B 231 13.71 15.98 -20.46
N ILE B 232 14.75 15.76 -19.67
CA ILE B 232 15.10 16.67 -18.59
C ILE B 232 16.35 17.40 -19.06
N LYS B 233 16.18 18.71 -19.20
CA LYS B 233 17.20 19.53 -19.85
C LYS B 233 18.49 19.75 -19.08
N ARG B 234 18.48 19.98 -17.77
CA ARG B 234 19.72 20.16 -17.05
C ARG B 234 19.72 19.25 -15.84
N LYS B 235 20.85 18.89 -15.26
CA LYS B 235 20.85 18.10 -14.03
C LYS B 235 21.05 19.13 -12.91
N PRO B 236 20.03 19.47 -12.11
CA PRO B 236 20.14 20.29 -10.92
C PRO B 236 21.10 19.70 -9.90
N GLU B 237 21.55 20.50 -8.95
CA GLU B 237 22.49 20.09 -7.89
C GLU B 237 21.84 19.26 -6.76
N SER B 238 20.49 19.25 -6.70
CA SER B 238 19.79 18.36 -5.80
C SER B 238 18.39 18.15 -6.32
N ILE B 239 17.67 17.16 -5.79
CA ILE B 239 16.27 16.89 -6.15
C ILE B 239 15.36 18.10 -5.85
N PHE B 240 15.89 19.02 -5.02
CA PHE B 240 15.17 20.21 -4.67
C PHE B 240 15.37 21.41 -5.58
N ASP B 241 16.28 21.34 -6.56
CA ASP B 241 16.53 22.52 -7.37
C ASP B 241 15.94 22.33 -8.76
N TYR B 242 14.89 21.56 -9.03
CA TYR B 242 14.38 21.50 -10.41
C TYR B 242 13.40 22.63 -10.62
N ARG B 243 13.08 22.98 -11.85
CA ARG B 243 12.25 24.14 -12.10
C ARG B 243 11.38 23.78 -13.24
N PHE B 244 10.25 24.44 -13.44
CA PHE B 244 9.30 24.07 -14.49
C PHE B 244 9.95 23.89 -15.84
N GLU B 245 10.75 24.89 -16.26
CA GLU B 245 11.41 24.91 -17.57
C GLU B 245 12.47 23.85 -17.80
N ASP B 246 12.73 23.03 -16.79
CA ASP B 246 13.66 21.93 -16.88
C ASP B 246 13.11 20.72 -17.60
N PHE B 247 11.81 20.58 -17.90
CA PHE B 247 11.23 19.31 -18.38
C PHE B 247 10.63 19.49 -19.74
N GLU B 248 10.68 18.54 -20.66
CA GLU B 248 10.11 18.68 -22.01
C GLU B 248 9.33 17.44 -22.32
N ILE B 249 8.26 17.53 -23.08
CA ILE B 249 7.48 16.37 -23.43
C ILE B 249 7.26 16.35 -24.96
N GLU B 250 8.02 15.45 -25.57
CA GLU B 250 8.14 15.35 -27.01
C GLU B 250 7.29 14.20 -27.54
N GLY B 251 6.50 14.41 -28.59
CA GLY B 251 5.72 13.33 -29.17
C GLY B 251 4.34 13.23 -28.57
N TYR B 252 3.85 14.23 -27.84
CA TYR B 252 2.55 14.12 -27.16
C TYR B 252 1.46 14.63 -28.06
N ASP B 253 0.68 13.73 -28.63
CA ASP B 253 -0.37 14.20 -29.49
C ASP B 253 -1.69 13.69 -28.94
N PRO B 254 -2.37 14.36 -28.02
CA PRO B 254 -3.59 13.87 -27.39
C PRO B 254 -4.82 14.20 -28.18
N HIS B 255 -5.86 13.42 -27.84
CA HIS B 255 -7.23 13.69 -28.23
C HIS B 255 -7.67 14.92 -27.45
N PRO B 256 -8.63 15.73 -27.89
CA PRO B 256 -9.07 16.94 -27.17
C PRO B 256 -9.44 16.74 -25.69
N GLY B 257 -9.35 17.85 -24.95
CA GLY B 257 -9.59 17.97 -23.52
C GLY B 257 -10.60 17.16 -22.71
N ILE B 258 -11.90 17.24 -22.95
CA ILE B 258 -12.96 16.67 -22.05
C ILE B 258 -12.98 17.33 -20.70
N LYS B 259 -13.93 18.23 -20.56
CA LYS B 259 -14.12 19.04 -19.36
C LYS B 259 -15.04 18.31 -18.36
N ALA B 260 -14.72 18.22 -17.07
CA ALA B 260 -15.60 17.57 -16.08
C ALA B 260 -15.55 18.16 -14.65
N PRO B 261 -16.69 18.16 -13.89
CA PRO B 261 -16.85 18.76 -12.57
C PRO B 261 -16.27 17.97 -11.43
N VAL B 262 -15.68 18.62 -10.43
CA VAL B 262 -15.03 17.94 -9.33
C VAL B 262 -15.96 18.01 -8.13
N ALA B 263 -16.12 16.84 -7.53
CA ALA B 263 -16.96 16.61 -6.36
C ALA B 263 -16.16 17.05 -5.17
N ILE B 264 -16.71 17.97 -4.35
CA ILE B 264 -15.96 18.56 -3.26
C ILE B 264 -16.21 17.91 -1.88
#